data_1KWY
#
_entry.id   1KWY
#
_cell.length_a   78.86
_cell.length_b   85.25
_cell.length_c   98.13
_cell.angle_alpha   90.00
_cell.angle_beta   107.34
_cell.angle_gamma   90.00
#
_symmetry.space_group_name_H-M   'C 1 2 1'
#
loop_
_entity.id
_entity.type
_entity.pdbx_description
1 polymer 'MANNOSE-BINDING PROTEIN A'
2 branched alpha-D-mannopyranose-(1-3)-alpha-D-mannopyranose
3 non-polymer 'CALCIUM ION'
4 non-polymer 'CHLORIDE ION'
5 water water
#
_entity_poly.entity_id   1
_entity_poly.type   'polypeptide(L)'
_entity_poly.pdbx_seq_one_letter_code
;AIEVKLANMEAEINTLKSKLELTNKLHAFSMGKKSGKKFFVTNHERMPFSKVKALCSELRGTVAIPRNAEENKAIQEVAK
TSAFLGITDEVTEGQFMYVTGGRLTYSNWKKDEPNDHGSGEDCVTIVDNGLWNDISCQASHTAVCEFPA
;
_entity_poly.pdbx_strand_id   A,B,C
#
loop_
_chem_comp.id
_chem_comp.type
_chem_comp.name
_chem_comp.formula
CA non-polymer 'CALCIUM ION' 'Ca 2'
CL non-polymer 'CHLORIDE ION' 'Cl -1'
MAN D-saccharide, alpha linking alpha-D-mannopyranose 'C6 H12 O6'
#
# COMPACT_ATOMS: atom_id res chain seq x y z
N ALA A 1 -24.28 -31.30 -16.37
CA ALA A 1 -23.47 -31.52 -17.59
C ALA A 1 -22.00 -31.19 -17.31
N ILE A 2 -21.14 -32.17 -17.47
CA ILE A 2 -19.71 -32.01 -17.21
C ILE A 2 -19.10 -30.86 -18.01
N GLU A 3 -19.36 -30.82 -19.31
CA GLU A 3 -18.80 -29.81 -20.18
C GLU A 3 -19.26 -28.38 -19.90
N VAL A 4 -20.47 -28.24 -19.38
CA VAL A 4 -20.99 -26.92 -19.04
C VAL A 4 -20.22 -26.41 -17.82
N LYS A 5 -20.00 -27.28 -16.85
CA LYS A 5 -19.28 -26.92 -15.63
C LYS A 5 -17.82 -26.59 -15.94
N LEU A 6 -17.24 -27.31 -16.90
CA LEU A 6 -15.87 -27.07 -17.29
C LEU A 6 -15.73 -25.69 -17.94
N ALA A 7 -16.70 -25.36 -18.78
CA ALA A 7 -16.70 -24.07 -19.46
C ALA A 7 -16.88 -22.95 -18.43
N ASN A 8 -17.68 -23.20 -17.40
CA ASN A 8 -17.85 -22.16 -16.38
C ASN A 8 -16.54 -22.01 -15.63
N MET A 9 -15.88 -23.13 -15.33
CA MET A 9 -14.63 -23.07 -14.58
C MET A 9 -13.60 -22.26 -15.35
N GLU A 10 -13.56 -22.43 -16.68
CA GLU A 10 -12.64 -21.66 -17.49
C GLU A 10 -12.95 -20.16 -17.35
N ALA A 11 -14.24 -19.80 -17.39
CA ALA A 11 -14.61 -18.40 -17.26
C ALA A 11 -14.30 -17.86 -15.87
N GLU A 12 -14.40 -18.71 -14.86
CA GLU A 12 -14.12 -18.28 -13.48
C GLU A 12 -12.63 -18.02 -13.35
N ILE A 13 -11.84 -18.90 -13.94
CA ILE A 13 -10.37 -18.75 -13.91
C ILE A 13 -9.95 -17.48 -14.65
N ASN A 14 -10.47 -17.28 -15.85
CA ASN A 14 -10.12 -16.07 -16.62
C ASN A 14 -10.57 -14.80 -15.91
N THR A 15 -11.71 -14.87 -15.22
CA THR A 15 -12.19 -13.70 -14.50
C THR A 15 -11.23 -13.41 -13.37
N LEU A 16 -10.76 -14.50 -12.72
CA LEU A 16 -9.83 -14.37 -11.63
C LEU A 16 -8.49 -13.80 -12.12
N LYS A 17 -8.01 -14.26 -13.27
CA LYS A 17 -6.75 -13.75 -13.81
C LYS A 17 -6.86 -12.25 -14.06
N SER A 18 -8.00 -11.81 -14.59
CA SER A 18 -8.23 -10.41 -14.85
C SER A 18 -8.30 -9.58 -13.57
N LYS A 19 -8.93 -10.12 -12.54
CA LYS A 19 -9.01 -9.37 -11.29
C LYS A 19 -7.67 -9.30 -10.55
N LEU A 20 -6.90 -10.38 -10.59
CA LEU A 20 -5.60 -10.35 -9.95
C LEU A 20 -4.69 -9.35 -10.69
N GLU A 21 -4.82 -9.29 -12.00
CA GLU A 21 -4.01 -8.36 -12.78
C GLU A 21 -4.35 -6.94 -12.35
N LEU A 22 -5.65 -6.69 -12.12
CA LEU A 22 -6.14 -5.38 -11.70
C LEU A 22 -5.62 -5.02 -10.31
N THR A 23 -5.64 -6.01 -9.42
CA THR A 23 -5.14 -5.83 -8.06
C THR A 23 -3.65 -5.43 -8.12
N ASN A 24 -2.88 -6.10 -8.98
CA ASN A 24 -1.46 -5.77 -9.12
C ASN A 24 -1.27 -4.34 -9.65
N LYS A 25 -2.09 -3.95 -10.63
CA LYS A 25 -2.01 -2.58 -11.19
C LYS A 25 -2.36 -1.51 -10.19
N LEU A 26 -3.39 -1.75 -9.39
CA LEU A 26 -3.81 -0.77 -8.39
C LEU A 26 -2.75 -0.67 -7.29
N HIS A 27 -2.13 -1.80 -6.95
CA HIS A 27 -1.10 -1.76 -5.93
C HIS A 27 0.13 -1.00 -6.44
N ALA A 28 0.51 -1.24 -7.68
CA ALA A 28 1.68 -0.55 -8.23
C ALA A 28 1.37 0.96 -8.28
N PHE A 29 0.14 1.29 -8.67
CA PHE A 29 -0.31 2.70 -8.72
C PHE A 29 -0.20 3.32 -7.33
N SER A 30 -0.67 2.61 -6.31
CA SER A 30 -0.63 3.08 -4.94
C SER A 30 0.79 3.18 -4.41
N MET A 31 1.71 2.43 -4.99
CA MET A 31 3.11 2.49 -4.56
C MET A 31 3.87 3.60 -5.29
N GLY A 32 3.17 4.35 -6.13
CA GLY A 32 3.82 5.44 -6.84
C GLY A 32 4.30 5.13 -8.25
N LYS A 33 3.86 4.02 -8.84
CA LYS A 33 4.30 3.70 -10.18
C LYS A 33 3.77 4.71 -11.19
N LYS A 34 4.68 5.34 -11.94
CA LYS A 34 4.29 6.32 -12.94
C LYS A 34 4.09 5.60 -14.25
N SER A 35 3.21 6.13 -15.10
CA SER A 35 2.92 5.54 -16.38
C SER A 35 4.18 5.29 -17.22
N GLY A 36 4.38 4.05 -17.62
CA GLY A 36 5.55 3.71 -18.42
C GLY A 36 6.88 3.79 -17.69
N LYS A 37 6.83 3.82 -16.36
CA LYS A 37 8.05 3.90 -15.56
C LYS A 37 8.09 2.73 -14.57
N LYS A 38 9.28 2.25 -14.26
CA LYS A 38 9.38 1.17 -13.33
C LYS A 38 9.15 1.81 -11.97
N PHE A 39 8.81 1.01 -10.97
CA PHE A 39 8.56 1.59 -9.65
C PHE A 39 9.43 0.94 -8.58
N PHE A 40 9.58 1.64 -7.48
CA PHE A 40 10.43 1.23 -6.39
C PHE A 40 9.68 1.04 -5.09
N VAL A 41 10.06 0.01 -4.34
CA VAL A 41 9.41 -0.28 -3.07
C VAL A 41 10.45 -0.72 -2.03
N THR A 42 10.19 -0.35 -0.77
CA THR A 42 11.08 -0.77 0.33
C THR A 42 10.24 -1.05 1.57
N ASN A 43 10.75 -1.92 2.44
CA ASN A 43 10.08 -2.21 3.71
C ASN A 43 10.91 -1.51 4.80
N HIS A 44 11.92 -0.77 4.35
CA HIS A 44 12.84 -0.04 5.22
C HIS A 44 13.75 -0.92 6.09
N GLU A 45 13.83 -2.19 5.76
CA GLU A 45 14.68 -3.12 6.50
C GLU A 45 16.13 -3.06 5.97
N ARG A 46 17.10 -3.05 6.88
CA ARG A 46 18.50 -3.02 6.45
C ARG A 46 19.06 -4.44 6.53
N MET A 47 19.79 -4.85 5.50
CA MET A 47 20.34 -6.22 5.44
C MET A 47 21.50 -6.29 4.43
N PRO A 48 22.31 -7.37 4.49
CA PRO A 48 23.44 -7.54 3.56
C PRO A 48 22.91 -7.62 2.13
N PHE A 49 23.79 -7.35 1.16
CA PHE A 49 23.41 -7.36 -0.24
C PHE A 49 22.81 -8.68 -0.70
N SER A 50 23.41 -9.80 -0.32
CA SER A 50 22.89 -11.10 -0.73
C SER A 50 21.43 -11.32 -0.32
N LYS A 51 21.05 -10.78 0.84
CA LYS A 51 19.67 -10.89 1.34
C LYS A 51 18.73 -10.00 0.54
N VAL A 52 19.21 -8.80 0.18
CA VAL A 52 18.37 -7.91 -0.62
C VAL A 52 18.11 -8.55 -1.98
N LYS A 53 19.14 -9.10 -2.61
CA LYS A 53 18.96 -9.75 -3.91
C LYS A 53 17.95 -10.86 -3.82
N ALA A 54 18.07 -11.69 -2.79
CA ALA A 54 17.16 -12.83 -2.61
C ALA A 54 15.73 -12.34 -2.43
N LEU A 55 15.55 -11.35 -1.56
CA LEU A 55 14.22 -10.80 -1.30
C LEU A 55 13.59 -10.27 -2.58
N CYS A 56 14.28 -9.36 -3.27
CA CYS A 56 13.72 -8.79 -4.49
C CYS A 56 13.49 -9.86 -5.55
N SER A 57 14.42 -10.79 -5.67
CA SER A 57 14.28 -11.85 -6.65
C SER A 57 13.00 -12.64 -6.38
N GLU A 58 12.74 -12.95 -5.12
CA GLU A 58 11.55 -13.69 -4.73
C GLU A 58 10.24 -12.94 -5.05
N LEU A 59 10.31 -11.61 -5.11
CA LEU A 59 9.15 -10.78 -5.42
C LEU A 59 9.06 -10.52 -6.91
N ARG A 60 9.94 -11.17 -7.66
CA ARG A 60 10.00 -11.00 -9.11
C ARG A 60 10.36 -9.58 -9.50
N GLY A 61 11.32 -9.03 -8.78
CA GLY A 61 11.83 -7.70 -9.04
C GLY A 61 13.36 -7.84 -8.96
N THR A 62 14.07 -6.75 -8.77
CA THR A 62 15.52 -6.83 -8.63
C THR A 62 15.92 -5.69 -7.74
N VAL A 63 17.14 -5.73 -7.20
CA VAL A 63 17.62 -4.63 -6.38
C VAL A 63 17.57 -3.38 -7.25
N ALA A 64 17.08 -2.29 -6.69
CA ALA A 64 16.92 -1.04 -7.41
C ALA A 64 18.16 -0.60 -8.18
N ILE A 65 17.95 -0.19 -9.42
CA ILE A 65 19.02 0.28 -10.29
C ILE A 65 18.69 1.63 -10.92
N PRO A 66 19.43 2.69 -10.56
CA PRO A 66 19.15 4.01 -11.14
C PRO A 66 19.77 4.02 -12.55
N ARG A 67 18.98 4.28 -13.57
CA ARG A 67 19.47 4.31 -14.96
C ARG A 67 19.69 5.75 -15.44
N ASN A 68 19.20 6.70 -14.66
CA ASN A 68 19.33 8.13 -14.95
C ASN A 68 19.05 8.94 -13.69
N ALA A 69 19.20 10.26 -13.76
CA ALA A 69 19.00 11.10 -12.59
C ALA A 69 17.60 11.04 -11.98
N GLU A 70 16.58 10.92 -12.82
CA GLU A 70 15.19 10.84 -12.35
C GLU A 70 14.98 9.61 -11.48
N GLU A 71 15.40 8.46 -12.00
CA GLU A 71 15.28 7.21 -11.24
C GLU A 71 16.10 7.26 -9.97
N ASN A 72 17.26 7.93 -10.04
CA ASN A 72 18.13 8.01 -8.86
C ASN A 72 17.43 8.78 -7.75
N LYS A 73 16.78 9.88 -8.13
CA LYS A 73 16.04 10.72 -7.19
C LYS A 73 14.88 9.93 -6.60
N ALA A 74 14.21 9.17 -7.47
CA ALA A 74 13.07 8.35 -7.08
C ALA A 74 13.51 7.32 -6.03
N ILE A 75 14.62 6.64 -6.28
CA ILE A 75 15.11 5.64 -5.34
C ILE A 75 15.51 6.31 -4.02
N GLN A 76 16.15 7.46 -4.11
CA GLN A 76 16.57 8.23 -2.94
C GLN A 76 15.35 8.59 -2.06
N GLU A 77 14.27 9.02 -2.72
CA GLU A 77 13.04 9.43 -2.02
C GLU A 77 12.40 8.23 -1.32
N VAL A 78 12.44 7.06 -1.97
CA VAL A 78 11.86 5.86 -1.40
C VAL A 78 12.67 5.31 -0.23
N ALA A 79 14.00 5.24 -0.40
CA ALA A 79 14.88 4.72 0.62
C ALA A 79 14.96 5.57 1.90
N LYS A 80 15.09 6.88 1.74
CA LYS A 80 15.20 7.79 2.86
C LYS A 80 16.55 7.69 3.56
N THR A 81 17.23 6.55 3.41
CA THR A 81 18.54 6.33 4.02
C THR A 81 19.42 5.54 3.05
N SER A 82 20.63 5.15 3.48
CA SER A 82 21.52 4.43 2.60
C SER A 82 20.90 3.09 2.16
N ALA A 83 20.99 2.79 0.87
CA ALA A 83 20.44 1.56 0.35
C ALA A 83 21.30 0.95 -0.74
N PHE A 84 21.30 -0.38 -0.84
CA PHE A 84 22.06 -1.04 -1.90
C PHE A 84 21.40 -0.80 -3.26
N LEU A 85 22.23 -0.77 -4.29
CA LEU A 85 21.77 -0.63 -5.66
C LEU A 85 22.13 -1.94 -6.34
N GLY A 86 21.45 -2.27 -7.44
CA GLY A 86 21.74 -3.50 -8.13
C GLY A 86 22.96 -3.38 -9.03
N ILE A 87 24.07 -2.95 -8.41
CA ILE A 87 25.32 -2.72 -9.14
C ILE A 87 26.50 -3.26 -8.31
N THR A 88 27.39 -4.05 -8.91
CA THR A 88 28.56 -4.57 -8.18
C THR A 88 29.74 -4.81 -9.11
N ASP A 89 30.94 -4.87 -8.55
CA ASP A 89 32.12 -5.19 -9.40
C ASP A 89 32.71 -6.48 -8.83
N GLU A 90 31.82 -7.37 -8.38
CA GLU A 90 32.19 -8.69 -7.84
C GLU A 90 32.87 -9.61 -8.84
N VAL A 91 32.36 -9.59 -10.08
CA VAL A 91 32.88 -10.46 -11.13
C VAL A 91 34.29 -10.11 -11.59
N THR A 92 34.56 -8.81 -11.73
CA THR A 92 35.87 -8.34 -12.14
C THR A 92 36.12 -6.99 -11.47
N GLU A 93 37.06 -6.98 -10.51
CA GLU A 93 37.38 -5.78 -9.77
C GLU A 93 37.57 -4.58 -10.65
N GLY A 94 36.89 -3.48 -10.30
CA GLY A 94 37.01 -2.26 -11.07
C GLY A 94 35.95 -2.06 -12.15
N GLN A 95 35.31 -3.13 -12.55
CA GLN A 95 34.28 -3.05 -13.60
C GLN A 95 32.91 -3.32 -13.02
N PHE A 96 32.17 -2.26 -12.74
CA PHE A 96 30.82 -2.46 -12.19
C PHE A 96 29.85 -2.92 -13.28
N MET A 97 28.98 -3.86 -12.92
CA MET A 97 27.98 -4.44 -13.82
C MET A 97 26.62 -4.39 -13.11
N TYR A 98 25.54 -4.39 -13.88
CA TYR A 98 24.23 -4.43 -13.26
C TYR A 98 24.02 -5.89 -12.89
N VAL A 99 23.31 -6.15 -11.80
CA VAL A 99 23.08 -7.54 -11.39
C VAL A 99 22.29 -8.30 -12.46
N THR A 100 21.54 -7.57 -13.27
CA THR A 100 20.76 -8.17 -14.34
C THR A 100 21.52 -8.23 -15.66
N GLY A 101 22.79 -7.81 -15.64
CA GLY A 101 23.61 -7.86 -16.84
C GLY A 101 24.01 -6.53 -17.45
N GLY A 102 25.22 -6.48 -17.98
CA GLY A 102 25.69 -5.26 -18.63
C GLY A 102 26.58 -4.36 -17.79
N ARG A 103 27.48 -3.64 -18.48
CA ARG A 103 28.38 -2.72 -17.81
C ARG A 103 27.67 -1.45 -17.38
N LEU A 104 28.08 -0.93 -16.23
CA LEU A 104 27.49 0.30 -15.71
C LEU A 104 27.67 1.42 -16.71
N THR A 105 26.61 2.22 -16.92
CA THR A 105 26.75 3.37 -17.82
C THR A 105 26.54 4.60 -16.95
N TYR A 106 25.30 5.06 -16.85
CA TYR A 106 25.01 6.20 -16.01
C TYR A 106 25.50 5.91 -14.59
N SER A 107 26.09 6.90 -13.93
CA SER A 107 26.57 6.72 -12.56
C SER A 107 26.45 8.04 -11.79
N ASN A 108 26.52 7.97 -10.46
CA ASN A 108 26.41 9.18 -9.65
C ASN A 108 27.32 9.10 -8.44
N TRP A 109 28.55 8.70 -8.68
CA TRP A 109 29.56 8.54 -7.61
C TRP A 109 29.91 9.82 -6.86
N LYS A 110 30.12 9.68 -5.57
CA LYS A 110 30.57 10.80 -4.75
C LYS A 110 32.02 11.00 -5.21
N LYS A 111 32.58 12.17 -4.92
CA LYS A 111 33.96 12.45 -5.30
C LYS A 111 34.88 11.42 -4.65
N ASP A 112 35.87 10.96 -5.40
CA ASP A 112 36.85 9.99 -4.94
C ASP A 112 36.29 8.57 -4.77
N GLU A 113 35.12 8.30 -5.36
CA GLU A 113 34.53 6.96 -5.33
C GLU A 113 34.29 6.56 -6.76
N PRO A 114 34.27 5.23 -7.05
CA PRO A 114 34.45 4.11 -6.13
C PRO A 114 35.94 4.00 -5.77
N ASN A 115 36.26 3.45 -4.60
CA ASN A 115 37.66 3.31 -4.21
C ASN A 115 38.04 1.93 -3.67
N ASP A 116 37.12 0.97 -3.74
CA ASP A 116 37.38 -0.41 -3.28
C ASP A 116 38.23 -0.34 -2.00
N HIS A 117 37.75 0.44 -1.05
CA HIS A 117 38.46 0.68 0.19
C HIS A 117 38.78 -0.51 1.07
N GLY A 118 39.94 -0.44 1.73
CA GLY A 118 40.36 -1.49 2.66
C GLY A 118 40.55 -2.84 2.03
N SER A 119 40.04 -3.88 2.69
CA SER A 119 40.13 -5.23 2.15
C SER A 119 39.31 -5.33 0.86
N GLY A 120 38.52 -4.31 0.57
CA GLY A 120 37.73 -4.30 -0.66
C GLY A 120 36.26 -3.95 -0.52
N GLU A 121 35.72 -3.40 -1.61
CA GLU A 121 34.29 -3.01 -1.65
C GLU A 121 33.77 -3.28 -3.04
N ASP A 122 32.84 -4.25 -3.14
CA ASP A 122 32.29 -4.61 -4.42
C ASP A 122 30.80 -4.28 -4.65
N CYS A 123 30.14 -3.75 -3.62
CA CYS A 123 28.74 -3.38 -3.78
C CYS A 123 28.59 -1.85 -3.79
N VAL A 124 27.39 -1.37 -3.99
CA VAL A 124 27.16 0.05 -4.09
C VAL A 124 25.92 0.52 -3.31
N THR A 125 26.09 1.63 -2.60
CA THR A 125 24.98 2.21 -1.86
C THR A 125 24.70 3.63 -2.32
N ILE A 126 23.42 3.99 -2.38
CA ILE A 126 23.04 5.34 -2.70
C ILE A 126 22.94 5.93 -1.29
N VAL A 127 23.62 7.04 -1.05
CA VAL A 127 23.65 7.65 0.28
C VAL A 127 23.08 9.05 0.35
N ASP A 128 23.91 9.98 0.83
CA ASP A 128 23.49 11.34 1.03
C ASP A 128 22.94 12.21 -0.08
N ASN A 129 23.67 12.78 -0.98
CA ASN A 129 22.81 13.59 -1.81
C ASN A 129 22.38 12.84 -3.02
N GLY A 130 22.05 11.56 -2.72
CA GLY A 130 21.65 10.59 -3.72
C GLY A 130 22.89 10.11 -4.43
N LEU A 131 24.04 10.55 -3.90
CA LEU A 131 25.36 10.20 -4.41
C LEU A 131 25.64 8.74 -4.10
N TRP A 132 26.62 8.16 -4.79
CA TRP A 132 26.96 6.75 -4.60
C TRP A 132 28.34 6.50 -3.99
N ASN A 133 28.44 5.40 -3.24
CA ASN A 133 29.70 4.97 -2.63
C ASN A 133 29.81 3.46 -2.72
N ASP A 134 30.97 2.92 -3.12
CA ASP A 134 31.08 1.46 -3.15
C ASP A 134 31.34 1.03 -1.70
N ILE A 135 30.72 -0.08 -1.29
CA ILE A 135 30.84 -0.52 0.10
C ILE A 135 30.88 -2.05 0.13
N SER A 136 31.19 -2.60 1.28
CA SER A 136 31.23 -4.04 1.43
C SER A 136 29.82 -4.61 1.24
N CYS A 137 29.74 -5.69 0.48
CA CYS A 137 28.47 -6.37 0.24
C CYS A 137 27.96 -6.97 1.57
N GLN A 138 28.87 -7.16 2.52
CA GLN A 138 28.55 -7.70 3.85
C GLN A 138 27.87 -6.71 4.78
N ALA A 139 28.01 -5.41 4.50
CA ALA A 139 27.39 -4.41 5.34
C ALA A 139 25.86 -4.46 5.16
N SER A 140 25.13 -3.93 6.13
CA SER A 140 23.66 -3.93 6.07
C SER A 140 23.14 -2.55 5.68
N HIS A 141 22.41 -2.50 4.57
CA HIS A 141 21.82 -1.25 4.10
C HIS A 141 20.39 -1.54 3.66
N THR A 142 19.60 -0.48 3.50
CA THR A 142 18.18 -0.62 3.16
C THR A 142 17.89 -1.38 1.90
N ALA A 143 16.91 -2.28 2.00
CA ALA A 143 16.49 -3.09 0.86
C ALA A 143 15.44 -2.37 0.03
N VAL A 144 15.80 -2.05 -1.20
CA VAL A 144 14.89 -1.36 -2.11
C VAL A 144 14.83 -2.17 -3.41
N CYS A 145 13.62 -2.57 -3.81
CA CYS A 145 13.44 -3.36 -5.01
C CYS A 145 12.87 -2.53 -6.14
N GLU A 146 13.16 -2.93 -7.36
CA GLU A 146 12.58 -2.22 -8.49
C GLU A 146 11.77 -3.23 -9.26
N PHE A 147 10.70 -2.75 -9.87
CA PHE A 147 9.81 -3.57 -10.69
C PHE A 147 9.66 -2.88 -12.03
N PRO A 148 9.57 -3.66 -13.12
CA PRO A 148 9.44 -3.24 -14.52
C PRO A 148 8.41 -2.17 -14.86
N ALA A 149 8.75 -1.34 -15.85
CA ALA A 149 7.85 -0.28 -16.30
C ALA A 149 6.58 -0.90 -16.88
N ALA B 1 -14.98 -40.08 -10.68
CA ALA B 1 -13.75 -39.32 -10.33
C ALA B 1 -13.81 -37.91 -10.92
N ILE B 2 -14.00 -37.82 -12.24
CA ILE B 2 -14.04 -36.53 -12.91
C ILE B 2 -15.00 -35.53 -12.25
N GLU B 3 -16.23 -35.96 -11.97
CA GLU B 3 -17.19 -35.05 -11.32
C GLU B 3 -16.68 -34.65 -9.95
N VAL B 4 -15.95 -35.54 -9.30
CA VAL B 4 -15.41 -35.26 -7.98
C VAL B 4 -14.26 -34.24 -8.07
N LYS B 5 -13.36 -34.43 -9.03
CA LYS B 5 -12.25 -33.51 -9.22
C LYS B 5 -12.78 -32.13 -9.56
N LEU B 6 -13.79 -32.11 -10.41
CA LEU B 6 -14.40 -30.86 -10.86
C LEU B 6 -15.01 -30.11 -9.66
N ALA B 7 -15.68 -30.85 -8.77
CA ALA B 7 -16.29 -30.27 -7.59
C ALA B 7 -15.23 -29.69 -6.66
N ASN B 8 -14.18 -30.46 -6.44
CA ASN B 8 -13.08 -30.01 -5.59
C ASN B 8 -12.40 -28.76 -6.17
N MET B 9 -12.30 -28.69 -7.50
CA MET B 9 -11.67 -27.54 -8.13
C MET B 9 -12.55 -26.30 -8.04
N GLU B 10 -13.87 -26.48 -8.09
CA GLU B 10 -14.77 -25.36 -7.95
C GLU B 10 -14.63 -24.80 -6.51
N ALA B 11 -14.35 -25.69 -5.57
CA ALA B 11 -14.18 -25.27 -4.17
C ALA B 11 -12.90 -24.46 -4.03
N GLU B 12 -11.85 -24.93 -4.69
CA GLU B 12 -10.56 -24.23 -4.68
C GLU B 12 -10.73 -22.82 -5.27
N ILE B 13 -11.48 -22.73 -6.36
CA ILE B 13 -11.71 -21.44 -7.01
C ILE B 13 -12.48 -20.47 -6.10
N ASN B 14 -13.49 -20.99 -5.40
CA ASN B 14 -14.27 -20.14 -4.48
C ASN B 14 -13.36 -19.62 -3.37
N THR B 15 -12.47 -20.47 -2.89
CA THR B 15 -11.55 -20.09 -1.82
C THR B 15 -10.57 -19.03 -2.31
N LEU B 16 -10.08 -19.20 -3.53
CA LEU B 16 -9.14 -18.26 -4.11
C LEU B 16 -9.81 -16.90 -4.36
N LYS B 17 -11.08 -16.90 -4.77
CA LYS B 17 -11.80 -15.66 -5.02
C LYS B 17 -11.96 -14.87 -3.72
N SER B 18 -12.26 -15.58 -2.65
CA SER B 18 -12.40 -14.95 -1.33
C SER B 18 -11.05 -14.42 -0.88
N LYS B 19 -10.00 -15.22 -1.09
CA LYS B 19 -8.67 -14.80 -0.69
C LYS B 19 -8.25 -13.54 -1.45
N LEU B 20 -8.56 -13.46 -2.74
CA LEU B 20 -8.20 -12.27 -3.52
C LEU B 20 -8.98 -11.05 -3.01
N GLU B 21 -10.25 -11.27 -2.67
CA GLU B 21 -11.07 -10.18 -2.17
C GLU B 21 -10.46 -9.68 -0.84
N LEU B 22 -9.90 -10.60 -0.06
CA LEU B 22 -9.30 -10.22 1.22
C LEU B 22 -8.07 -9.34 0.90
N THR B 23 -7.28 -9.76 -0.07
CA THR B 23 -6.11 -8.99 -0.46
C THR B 23 -6.50 -7.56 -0.83
N ASN B 24 -7.59 -7.40 -1.59
CA ASN B 24 -8.08 -6.09 -1.97
C ASN B 24 -8.50 -5.28 -0.74
N LYS B 25 -9.16 -5.92 0.22
CA LYS B 25 -9.59 -5.22 1.43
C LYS B 25 -8.42 -4.78 2.30
N LEU B 26 -7.45 -5.65 2.46
CA LEU B 26 -6.29 -5.29 3.27
C LEU B 26 -5.51 -4.17 2.59
N HIS B 27 -5.39 -4.23 1.26
CA HIS B 27 -4.68 -3.19 0.56
C HIS B 27 -5.34 -1.83 0.72
N ALA B 28 -6.66 -1.77 0.55
CA ALA B 28 -7.39 -0.50 0.68
C ALA B 28 -7.24 0.05 2.10
N PHE B 29 -7.36 -0.84 3.09
CA PHE B 29 -7.21 -0.48 4.50
C PHE B 29 -5.80 0.12 4.71
N SER B 30 -4.77 -0.57 4.22
CA SER B 30 -3.41 -0.09 4.39
C SER B 30 -3.17 1.27 3.73
N MET B 31 -3.93 1.57 2.69
CA MET B 31 -3.78 2.84 2.00
C MET B 31 -4.70 3.92 2.56
N GLY B 32 -5.33 3.64 3.69
CA GLY B 32 -6.18 4.62 4.34
C GLY B 32 -7.69 4.60 4.13
N LYS B 33 -8.23 3.57 3.49
CA LYS B 33 -9.67 3.52 3.27
C LYS B 33 -10.39 3.39 4.61
N LYS B 34 -11.29 4.33 4.89
CA LYS B 34 -12.06 4.34 6.13
C LYS B 34 -13.34 3.53 5.97
N SER B 35 -13.82 2.94 7.07
CA SER B 35 -15.04 2.14 7.05
C SER B 35 -16.21 2.90 6.42
N GLY B 36 -16.94 2.24 5.55
CA GLY B 36 -18.08 2.85 4.89
C GLY B 36 -17.79 4.07 4.03
N LYS B 37 -16.51 4.34 3.77
CA LYS B 37 -16.15 5.50 2.96
C LYS B 37 -15.44 5.08 1.66
N LYS B 38 -15.48 5.97 0.68
CA LYS B 38 -14.83 5.71 -0.60
C LYS B 38 -13.32 5.73 -0.41
N PHE B 39 -12.63 4.93 -1.20
CA PHE B 39 -11.18 4.81 -1.15
C PHE B 39 -10.56 5.76 -2.20
N PHE B 40 -9.75 6.72 -1.72
CA PHE B 40 -9.06 7.67 -2.60
C PHE B 40 -7.56 7.33 -2.64
N VAL B 41 -6.98 7.31 -3.83
CA VAL B 41 -5.56 6.96 -3.95
C VAL B 41 -4.88 7.65 -5.16
N THR B 42 -3.58 7.88 -5.06
CA THR B 42 -2.85 8.54 -6.13
C THR B 42 -1.44 7.99 -6.29
N ASN B 43 -0.88 8.12 -7.49
CA ASN B 43 0.50 7.69 -7.74
C ASN B 43 1.39 8.94 -7.81
N HIS B 44 0.80 10.10 -7.52
CA HIS B 44 1.49 11.39 -7.53
C HIS B 44 1.94 11.86 -8.90
N GLU B 45 1.37 11.28 -9.95
CA GLU B 45 1.74 11.64 -11.31
C GLU B 45 0.79 12.74 -11.85
N ARG B 46 1.37 13.77 -12.46
CA ARG B 46 0.58 14.86 -13.03
C ARG B 46 0.39 14.57 -14.52
N MET B 47 -0.83 14.73 -15.01
CA MET B 47 -1.12 14.45 -16.42
C MET B 47 -2.41 15.16 -16.83
N PRO B 48 -2.67 15.23 -18.15
CA PRO B 48 -3.88 15.88 -18.66
C PRO B 48 -5.11 15.09 -18.18
N PHE B 49 -6.23 15.80 -18.05
CA PHE B 49 -7.45 15.19 -17.57
C PHE B 49 -7.81 13.92 -18.34
N SER B 50 -7.66 13.93 -19.66
CA SER B 50 -8.00 12.74 -20.46
C SER B 50 -7.26 11.50 -19.96
N LYS B 51 -5.98 11.67 -19.67
CA LYS B 51 -5.15 10.57 -19.17
C LYS B 51 -5.60 10.14 -17.77
N VAL B 52 -5.99 11.09 -16.94
CA VAL B 52 -6.43 10.73 -15.59
C VAL B 52 -7.68 9.83 -15.72
N LYS B 53 -8.64 10.26 -16.54
CA LYS B 53 -9.85 9.45 -16.71
C LYS B 53 -9.52 8.06 -17.23
N ALA B 54 -8.61 7.99 -18.19
CA ALA B 54 -8.21 6.71 -18.77
C ALA B 54 -7.52 5.86 -17.72
N LEU B 55 -6.64 6.47 -16.94
CA LEU B 55 -5.91 5.73 -15.90
C LEU B 55 -6.85 5.17 -14.84
N CYS B 56 -7.70 6.00 -14.24
CA CYS B 56 -8.61 5.50 -13.23
C CYS B 56 -9.53 4.42 -13.81
N SER B 57 -10.01 4.62 -15.05
CA SER B 57 -10.88 3.64 -15.68
C SER B 57 -10.18 2.30 -15.82
N GLU B 58 -8.91 2.34 -16.21
CA GLU B 58 -8.14 1.12 -16.38
C GLU B 58 -8.01 0.36 -15.06
N LEU B 59 -8.14 1.09 -13.95
CA LEU B 59 -8.05 0.47 -12.63
C LEU B 59 -9.43 0.13 -12.11
N ARG B 60 -10.45 0.36 -12.93
CA ARG B 60 -11.84 0.12 -12.56
C ARG B 60 -12.33 1.06 -11.50
N GLY B 61 -11.77 2.27 -11.50
CA GLY B 61 -12.19 3.28 -10.54
C GLY B 61 -12.64 4.48 -11.37
N THR B 62 -12.69 5.66 -10.76
CA THR B 62 -13.08 6.85 -11.52
C THR B 62 -12.30 8.02 -10.95
N VAL B 63 -12.27 9.14 -11.65
CA VAL B 63 -11.54 10.30 -11.14
C VAL B 63 -12.24 10.76 -9.86
N ALA B 64 -11.46 11.02 -8.82
CA ALA B 64 -11.99 11.42 -7.51
C ALA B 64 -13.02 12.55 -7.55
N ILE B 65 -14.10 12.37 -6.80
CA ILE B 65 -15.16 13.37 -6.72
C ILE B 65 -15.59 13.63 -5.29
N PRO B 66 -15.44 14.87 -4.82
CA PRO B 66 -15.83 15.23 -3.45
C PRO B 66 -17.34 15.48 -3.42
N ARG B 67 -18.08 14.68 -2.67
CA ARG B 67 -19.54 14.84 -2.59
C ARG B 67 -19.90 15.73 -1.41
N ASN B 68 -18.92 16.00 -0.55
CA ASN B 68 -19.14 16.83 0.63
C ASN B 68 -17.80 17.31 1.20
N ALA B 69 -17.85 18.08 2.26
CA ALA B 69 -16.65 18.63 2.88
C ALA B 69 -15.69 17.58 3.41
N GLU B 70 -16.23 16.49 3.94
CA GLU B 70 -15.42 15.42 4.48
C GLU B 70 -14.62 14.73 3.37
N GLU B 71 -15.27 14.44 2.25
CA GLU B 71 -14.60 13.80 1.14
C GLU B 71 -13.60 14.76 0.50
N ASN B 72 -13.94 16.05 0.48
CA ASN B 72 -13.10 17.04 -0.13
C ASN B 72 -11.78 17.09 0.65
N LYS B 73 -11.89 17.01 1.97
CA LYS B 73 -10.71 17.00 2.83
C LYS B 73 -9.87 15.73 2.60
N ALA B 74 -10.55 14.59 2.49
CA ALA B 74 -9.84 13.31 2.28
C ALA B 74 -9.03 13.36 0.99
N ILE B 75 -9.65 13.88 -0.07
CA ILE B 75 -8.95 13.98 -1.36
C ILE B 75 -7.77 14.94 -1.18
N GLN B 76 -8.02 16.05 -0.50
CA GLN B 76 -6.96 17.05 -0.28
C GLN B 76 -5.72 16.40 0.36
N GLU B 77 -5.93 15.60 1.39
CA GLU B 77 -4.80 14.97 2.07
C GLU B 77 -4.11 13.86 1.26
N VAL B 78 -4.82 13.24 0.31
CA VAL B 78 -4.20 12.21 -0.51
C VAL B 78 -3.35 12.86 -1.60
N ALA B 79 -3.89 13.88 -2.25
CA ALA B 79 -3.19 14.56 -3.33
C ALA B 79 -1.97 15.36 -2.91
N LYS B 80 -2.11 16.16 -1.87
CA LYS B 80 -1.02 17.01 -1.39
C LYS B 80 -0.84 18.22 -2.31
N THR B 81 -0.89 17.98 -3.62
CA THR B 81 -0.72 19.01 -4.64
C THR B 81 -2.03 19.24 -5.41
N SER B 82 -1.98 20.06 -6.46
CA SER B 82 -3.17 20.36 -7.25
C SER B 82 -3.59 19.09 -8.00
N ALA B 83 -4.87 18.75 -7.91
CA ALA B 83 -5.37 17.53 -8.54
C ALA B 83 -6.71 17.67 -9.23
N PHE B 84 -6.87 16.97 -10.36
CA PHE B 84 -8.13 16.98 -11.09
C PHE B 84 -9.25 16.28 -10.31
N LEU B 85 -10.47 16.80 -10.45
CA LEU B 85 -11.64 16.19 -9.83
C LEU B 85 -12.48 15.71 -11.01
N GLY B 86 -13.36 14.73 -10.78
CA GLY B 86 -14.19 14.22 -11.87
C GLY B 86 -15.39 15.11 -12.15
N ILE B 87 -15.11 16.37 -12.46
CA ILE B 87 -16.16 17.36 -12.72
C ILE B 87 -15.77 18.25 -13.91
N THR B 88 -16.72 18.56 -14.80
CA THR B 88 -16.45 19.43 -15.95
C THR B 88 -17.73 20.14 -16.39
N ASP B 89 -17.57 21.27 -17.09
CA ASP B 89 -18.70 22.00 -17.61
C ASP B 89 -18.57 22.06 -19.14
N GLU B 90 -18.14 20.92 -19.70
CA GLU B 90 -17.94 20.78 -21.14
C GLU B 90 -19.24 20.89 -21.97
N VAL B 91 -20.35 20.39 -21.44
CA VAL B 91 -21.62 20.43 -22.17
C VAL B 91 -22.22 21.83 -22.22
N THR B 92 -22.46 22.43 -21.06
CA THR B 92 -23.00 23.78 -20.99
C THR B 92 -22.11 24.57 -20.05
N GLU B 93 -21.49 25.64 -20.58
CA GLU B 93 -20.59 26.46 -19.80
C GLU B 93 -21.25 26.90 -18.49
N GLY B 94 -20.53 26.75 -17.40
CA GLY B 94 -21.05 27.12 -16.11
C GLY B 94 -21.81 26.02 -15.42
N GLN B 95 -22.21 24.99 -16.18
CA GLN B 95 -22.94 23.88 -15.61
C GLN B 95 -21.99 22.71 -15.33
N PHE B 96 -21.46 22.65 -14.12
CA PHE B 96 -20.56 21.55 -13.81
C PHE B 96 -21.31 20.27 -13.55
N MET B 97 -20.81 19.19 -14.16
CA MET B 97 -21.41 17.89 -14.06
C MET B 97 -20.34 16.86 -13.67
N TYR B 98 -20.75 15.83 -12.92
CA TYR B 98 -19.81 14.79 -12.55
C TYR B 98 -19.61 13.95 -13.79
N VAL B 99 -18.38 13.49 -14.02
CA VAL B 99 -18.08 12.65 -15.18
C VAL B 99 -18.82 11.32 -15.09
N THR B 100 -19.31 10.98 -13.91
CA THR B 100 -20.08 9.74 -13.73
C THR B 100 -21.57 10.02 -13.84
N GLY B 101 -21.92 11.27 -14.09
CA GLY B 101 -23.32 11.65 -14.26
C GLY B 101 -23.94 12.49 -13.17
N GLY B 102 -24.84 13.39 -13.57
CA GLY B 102 -25.49 14.24 -12.59
C GLY B 102 -24.90 15.61 -12.39
N ARG B 103 -25.73 16.53 -11.92
CA ARG B 103 -25.31 17.90 -11.68
C ARG B 103 -24.57 18.02 -10.37
N LEU B 104 -23.62 18.95 -10.35
CA LEU B 104 -22.81 19.24 -9.17
C LEU B 104 -23.68 19.72 -8.01
N THR B 105 -23.50 19.10 -6.86
CA THR B 105 -24.23 19.52 -5.67
C THR B 105 -23.23 20.31 -4.81
N TYR B 106 -22.31 19.61 -4.15
CA TYR B 106 -21.30 20.28 -3.32
C TYR B 106 -20.21 20.94 -4.15
N SER B 107 -19.77 22.12 -3.75
CA SER B 107 -18.71 22.83 -4.44
C SER B 107 -17.86 23.55 -3.40
N ASN B 108 -16.61 23.85 -3.75
CA ASN B 108 -15.73 24.54 -2.81
C ASN B 108 -14.85 25.50 -3.57
N TRP B 109 -15.49 26.29 -4.43
CA TRP B 109 -14.79 27.25 -5.25
C TRP B 109 -13.97 28.28 -4.49
N LYS B 110 -12.83 28.61 -5.08
CA LYS B 110 -11.93 29.64 -4.59
C LYS B 110 -12.60 30.98 -4.92
N LYS B 111 -12.14 32.06 -4.30
CA LYS B 111 -12.70 33.37 -4.60
C LYS B 111 -12.45 33.71 -6.07
N ASP B 112 -13.43 34.34 -6.72
CA ASP B 112 -13.30 34.73 -8.12
C ASP B 112 -13.30 33.55 -9.11
N GLU B 113 -13.62 32.37 -8.60
CA GLU B 113 -13.66 31.19 -9.47
C GLU B 113 -15.07 30.61 -9.35
N PRO B 114 -15.53 29.88 -10.39
CA PRO B 114 -14.83 29.58 -11.64
C PRO B 114 -14.81 30.81 -12.57
N ASN B 115 -13.76 30.96 -13.37
CA ASN B 115 -13.69 32.10 -14.28
C ASN B 115 -13.49 31.75 -15.76
N ASP B 116 -13.55 30.46 -16.08
CA ASP B 116 -13.40 30.01 -17.47
C ASP B 116 -12.29 30.86 -18.15
N HIS B 117 -11.22 31.12 -17.40
CA HIS B 117 -10.10 31.95 -17.84
C HIS B 117 -9.44 31.65 -19.19
N GLY B 118 -8.95 32.71 -19.83
CA GLY B 118 -8.26 32.58 -21.11
C GLY B 118 -9.10 32.01 -22.23
N SER B 119 -8.57 31.03 -22.92
CA SER B 119 -9.28 30.40 -24.02
C SER B 119 -10.40 29.49 -23.50
N GLY B 120 -10.52 29.38 -22.17
CA GLY B 120 -11.56 28.55 -21.60
C GLY B 120 -11.03 27.49 -20.65
N GLU B 121 -11.80 27.26 -19.57
CA GLU B 121 -11.44 26.26 -18.55
C GLU B 121 -12.68 25.43 -18.19
N ASP B 122 -12.68 24.18 -18.63
CA ASP B 122 -13.81 23.30 -18.35
C ASP B 122 -13.54 22.13 -17.38
N CYS B 123 -12.33 22.08 -16.83
CA CYS B 123 -12.02 21.06 -15.84
C CYS B 123 -11.87 21.70 -14.47
N VAL B 124 -11.72 20.87 -13.45
CA VAL B 124 -11.63 21.35 -12.08
C VAL B 124 -10.50 20.70 -11.30
N THR B 125 -9.78 21.50 -10.54
CA THR B 125 -8.70 21.00 -9.71
C THR B 125 -8.91 21.43 -8.28
N ILE B 126 -8.57 20.55 -7.34
CA ILE B 126 -8.63 20.88 -5.95
C ILE B 126 -7.20 21.33 -5.69
N VAL B 127 -7.04 22.53 -5.15
CA VAL B 127 -5.71 23.09 -4.91
C VAL B 127 -5.44 23.41 -3.44
N ASP B 128 -4.88 24.60 -3.21
CA ASP B 128 -4.53 25.06 -1.86
C ASP B 128 -5.71 25.19 -0.91
N ASN B 129 -5.50 24.70 0.31
CA ASN B 129 -6.53 24.76 1.34
C ASN B 129 -7.73 23.89 0.99
N GLY B 130 -7.63 23.15 -0.12
CA GLY B 130 -8.73 22.29 -0.53
C GLY B 130 -9.78 23.00 -1.35
N LEU B 131 -9.52 24.27 -1.69
CA LEU B 131 -10.45 25.06 -2.49
C LEU B 131 -10.36 24.62 -3.97
N TRP B 132 -11.35 25.00 -4.76
CA TRP B 132 -11.39 24.63 -6.17
C TRP B 132 -11.08 25.76 -7.14
N ASN B 133 -10.50 25.39 -8.28
CA ASN B 133 -10.20 26.32 -9.35
C ASN B 133 -10.47 25.61 -10.67
N ASP B 134 -11.19 26.25 -11.59
CA ASP B 134 -11.41 25.60 -12.87
C ASP B 134 -10.15 25.83 -13.69
N ILE B 135 -9.76 24.81 -14.47
CA ILE B 135 -8.54 24.89 -15.24
C ILE B 135 -8.73 24.20 -16.58
N SER B 136 -7.81 24.44 -17.51
CA SER B 136 -7.89 23.80 -18.81
C SER B 136 -7.74 22.28 -18.62
N CYS B 137 -8.57 21.52 -19.33
CA CYS B 137 -8.53 20.08 -19.27
C CYS B 137 -7.22 19.52 -19.86
N GLN B 138 -6.53 20.35 -20.63
CA GLN B 138 -5.27 19.95 -21.26
C GLN B 138 -4.09 20.14 -20.31
N ALA B 139 -4.30 20.86 -19.22
CA ALA B 139 -3.25 21.09 -18.25
C ALA B 139 -2.95 19.78 -17.48
N SER B 140 -1.73 19.65 -16.97
CA SER B 140 -1.34 18.45 -16.25
C SER B 140 -1.42 18.64 -14.74
N HIS B 141 -2.24 17.82 -14.10
CA HIS B 141 -2.40 17.88 -12.66
C HIS B 141 -2.43 16.46 -12.09
N THR B 142 -2.19 16.34 -10.81
CA THR B 142 -2.14 15.04 -10.16
C THR B 142 -3.36 14.15 -10.36
N ALA B 143 -3.09 12.87 -10.60
CA ALA B 143 -4.15 11.89 -10.80
C ALA B 143 -4.56 11.25 -9.48
N VAL B 144 -5.84 11.40 -9.15
CA VAL B 144 -6.40 10.82 -7.92
C VAL B 144 -7.65 10.04 -8.34
N CYS B 145 -7.66 8.75 -8.04
CA CYS B 145 -8.80 7.90 -8.40
C CYS B 145 -9.59 7.58 -7.15
N GLU B 146 -10.86 7.26 -7.32
CA GLU B 146 -11.68 6.88 -6.18
C GLU B 146 -12.25 5.51 -6.49
N PHE B 147 -12.49 4.74 -5.43
CA PHE B 147 -13.08 3.41 -5.58
C PHE B 147 -14.24 3.42 -4.58
N PRO B 148 -15.30 2.64 -4.85
CA PRO B 148 -16.48 2.59 -3.98
C PRO B 148 -16.24 2.22 -2.51
N ALA B 149 -17.14 2.70 -1.66
CA ALA B 149 -17.06 2.44 -0.22
C ALA B 149 -17.35 1.00 0.11
N ALA C 1 -10.06 -34.54 -24.54
CA ALA C 1 -10.59 -33.21 -24.18
C ALA C 1 -10.84 -33.07 -22.70
N ILE C 2 -12.03 -33.49 -22.25
CA ILE C 2 -12.42 -33.40 -20.85
C ILE C 2 -11.29 -33.54 -19.83
N GLU C 3 -10.66 -34.70 -19.78
CA GLU C 3 -9.57 -34.93 -18.83
C GLU C 3 -8.39 -33.97 -19.00
N VAL C 4 -8.03 -33.70 -20.23
CA VAL C 4 -6.90 -32.80 -20.50
C VAL C 4 -7.20 -31.40 -19.99
N LYS C 5 -8.38 -30.90 -20.31
CA LYS C 5 -8.78 -29.56 -19.89
C LYS C 5 -8.85 -29.48 -18.37
N LEU C 6 -9.35 -30.54 -17.75
CA LEU C 6 -9.46 -30.57 -16.30
C LEU C 6 -8.07 -30.54 -15.67
N ALA C 7 -7.13 -31.29 -16.24
CA ALA C 7 -5.77 -31.32 -15.74
C ALA C 7 -5.14 -29.93 -15.92
N ASN C 8 -5.40 -29.31 -17.05
CA ASN C 8 -4.85 -27.99 -17.29
C ASN C 8 -5.41 -26.97 -16.28
N MET C 9 -6.72 -26.99 -16.06
CA MET C 9 -7.27 -26.04 -15.11
C MET C 9 -6.73 -26.21 -13.70
N GLU C 10 -6.32 -27.43 -13.35
CA GLU C 10 -5.74 -27.62 -12.03
C GLU C 10 -4.40 -26.89 -12.00
N ALA C 11 -3.68 -26.93 -13.12
CA ALA C 11 -2.39 -26.24 -13.22
C ALA C 11 -2.63 -24.73 -13.21
N GLU C 12 -3.72 -24.29 -13.83
CA GLU C 12 -4.07 -22.85 -13.87
C GLU C 12 -4.36 -22.35 -12.45
N ILE C 13 -5.10 -23.14 -11.69
CA ILE C 13 -5.44 -22.82 -10.32
C ILE C 13 -4.19 -22.75 -9.44
N ASN C 14 -3.30 -23.73 -9.58
CA ASN C 14 -2.05 -23.72 -8.80
C ASN C 14 -1.19 -22.53 -9.18
N THR C 15 -1.19 -22.16 -10.45
CA THR C 15 -0.39 -21.01 -10.88
C THR C 15 -1.00 -19.74 -10.26
N LEU C 16 -2.33 -19.68 -10.21
CA LEU C 16 -2.98 -18.52 -9.63
C LEU C 16 -2.76 -18.40 -8.13
N LYS C 17 -2.69 -19.52 -7.43
CA LYS C 17 -2.45 -19.48 -5.99
C LYS C 17 -1.02 -18.99 -5.75
N SER C 18 -0.11 -19.40 -6.60
CA SER C 18 1.29 -18.98 -6.49
C SER C 18 1.40 -17.49 -6.72
N LYS C 19 0.73 -17.00 -7.74
CA LYS C 19 0.76 -15.57 -8.02
C LYS C 19 0.14 -14.76 -6.90
N LEU C 20 -1.00 -15.21 -6.37
CA LEU C 20 -1.65 -14.47 -5.29
C LEU C 20 -0.77 -14.45 -4.03
N GLU C 21 -0.05 -15.53 -3.81
CA GLU C 21 0.83 -15.61 -2.66
C GLU C 21 1.94 -14.57 -2.81
N LEU C 22 2.42 -14.42 -4.05
CA LEU C 22 3.48 -13.48 -4.36
C LEU C 22 2.99 -12.05 -4.20
N THR C 23 1.74 -11.81 -4.63
CA THR C 23 1.13 -10.50 -4.50
C THR C 23 1.03 -10.14 -3.02
N ASN C 24 0.65 -11.10 -2.18
CA ASN C 24 0.52 -10.86 -0.74
C ASN C 24 1.90 -10.53 -0.13
N LYS C 25 2.93 -11.23 -0.58
CA LYS C 25 4.29 -10.97 -0.08
C LYS C 25 4.74 -9.56 -0.46
N LEU C 26 4.49 -9.16 -1.70
CA LEU C 26 4.86 -7.84 -2.16
C LEU C 26 4.10 -6.76 -1.37
N HIS C 27 2.81 -7.01 -1.11
CA HIS C 27 2.01 -6.03 -0.37
C HIS C 27 2.52 -5.90 1.07
N ALA C 28 2.83 -7.04 1.68
CA ALA C 28 3.35 -7.03 3.07
C ALA C 28 4.66 -6.24 3.09
N PHE C 29 5.52 -6.49 2.11
CA PHE C 29 6.79 -5.80 2.00
C PHE C 29 6.55 -4.28 1.89
N SER C 30 5.67 -3.88 0.98
CA SER C 30 5.40 -2.45 0.82
C SER C 30 4.73 -1.87 2.06
N MET C 31 4.11 -2.72 2.86
CA MET C 31 3.45 -2.26 4.09
C MET C 31 4.46 -2.15 5.25
N GLY C 32 5.72 -2.54 5.01
CA GLY C 32 6.72 -2.43 6.06
C GLY C 32 7.06 -3.70 6.80
N LYS C 33 6.49 -4.81 6.38
CA LYS C 33 6.73 -6.12 6.97
C LYS C 33 8.24 -6.45 6.96
N LYS C 34 8.82 -6.63 8.16
CA LYS C 34 10.24 -6.97 8.28
C LYS C 34 10.36 -8.49 8.33
N SER C 35 11.44 -9.01 7.74
CA SER C 35 11.66 -10.44 7.70
C SER C 35 11.44 -11.16 9.03
N GLY C 36 10.68 -12.25 8.98
CA GLY C 36 10.38 -13.01 10.17
C GLY C 36 9.73 -12.26 11.33
N LYS C 37 9.19 -11.07 11.08
CA LYS C 37 8.55 -10.28 12.13
C LYS C 37 7.07 -10.08 11.83
N LYS C 38 6.24 -9.99 12.87
CA LYS C 38 4.83 -9.77 12.66
C LYS C 38 4.74 -8.30 12.24
N PHE C 39 3.71 -7.92 11.50
CA PHE C 39 3.63 -6.54 11.12
C PHE C 39 2.27 -5.92 11.43
N PHE C 40 2.30 -4.64 11.74
CA PHE C 40 1.12 -3.90 12.13
C PHE C 40 0.72 -2.90 11.04
N VAL C 41 -0.58 -2.74 10.85
CA VAL C 41 -1.11 -1.86 9.82
C VAL C 41 -2.32 -1.07 10.30
N THR C 42 -2.46 0.16 9.84
CA THR C 42 -3.62 0.98 10.23
C THR C 42 -4.10 1.80 9.06
N ASN C 43 -5.39 2.15 9.06
CA ASN C 43 -5.94 3.01 8.02
C ASN C 43 -6.08 4.41 8.67
N HIS C 44 -5.55 4.54 9.88
CA HIS C 44 -5.59 5.76 10.67
C HIS C 44 -7.00 6.19 11.10
N GLU C 45 -7.94 5.27 11.06
CA GLU C 45 -9.31 5.59 11.45
C GLU C 45 -9.48 5.32 12.96
N ARG C 46 -10.21 6.19 13.64
CA ARG C 46 -10.47 6.00 15.07
C ARG C 46 -11.91 5.52 15.21
N MET C 47 -12.13 4.49 16.00
CA MET C 47 -13.46 3.90 16.18
C MET C 47 -13.50 3.15 17.51
N PRO C 48 -14.69 2.70 17.94
CA PRO C 48 -14.85 1.95 19.19
C PRO C 48 -14.20 0.57 19.06
N PHE C 49 -13.78 0.00 20.19
CA PHE C 49 -13.10 -1.27 20.20
C PHE C 49 -13.82 -2.41 19.45
N SER C 50 -15.14 -2.50 19.59
CA SER C 50 -15.88 -3.55 18.90
C SER C 50 -15.73 -3.44 17.38
N LYS C 51 -15.63 -2.22 16.86
CA LYS C 51 -15.45 -2.06 15.42
C LYS C 51 -14.03 -2.39 14.98
N VAL C 52 -13.05 -2.19 15.87
CA VAL C 52 -11.68 -2.52 15.50
C VAL C 52 -11.58 -4.02 15.37
N LYS C 53 -12.14 -4.75 16.33
CA LYS C 53 -12.11 -6.21 16.30
C LYS C 53 -12.83 -6.73 15.07
N ALA C 54 -14.01 -6.19 14.80
CA ALA C 54 -14.77 -6.64 13.64
C ALA C 54 -13.92 -6.40 12.37
N LEU C 55 -13.34 -5.21 12.28
CA LEU C 55 -12.52 -4.86 11.12
C LEU C 55 -11.28 -5.74 10.96
N CYS C 56 -10.48 -5.91 12.01
CA CYS C 56 -9.30 -6.74 11.89
C CYS C 56 -9.69 -8.16 11.59
N SER C 57 -10.85 -8.58 12.11
CA SER C 57 -11.32 -9.93 11.88
C SER C 57 -11.64 -10.14 10.39
N GLU C 58 -12.27 -9.14 9.76
CA GLU C 58 -12.58 -9.24 8.33
C GLU C 58 -11.31 -9.42 7.50
N LEU C 59 -10.24 -8.77 7.93
CA LEU C 59 -8.96 -8.83 7.22
C LEU C 59 -8.13 -10.03 7.64
N ARG C 60 -8.75 -10.92 8.43
CA ARG C 60 -8.07 -12.11 8.92
C ARG C 60 -6.83 -11.79 9.73
N GLY C 61 -6.95 -10.78 10.56
CA GLY C 61 -5.86 -10.40 11.43
C GLY C 61 -6.46 -10.25 12.83
N THR C 62 -5.77 -9.59 13.75
CA THR C 62 -6.29 -9.39 15.09
C THR C 62 -5.93 -8.00 15.57
N VAL C 63 -6.59 -7.52 16.62
CA VAL C 63 -6.26 -6.21 17.15
C VAL C 63 -4.85 -6.33 17.71
N ALA C 64 -4.00 -5.39 17.33
CA ALA C 64 -2.60 -5.38 17.73
C ALA C 64 -2.32 -5.66 19.19
N ILE C 65 -1.38 -6.58 19.43
CA ILE C 65 -0.98 -6.94 20.79
C ILE C 65 0.54 -6.97 20.91
N PRO C 66 1.11 -6.07 21.72
CA PRO C 66 2.57 -6.05 21.90
C PRO C 66 2.94 -7.18 22.88
N ARG C 67 3.92 -7.99 22.53
CA ARG C 67 4.33 -9.10 23.40
C ARG C 67 5.61 -8.74 24.14
N ASN C 68 6.18 -7.59 23.82
CA ASN C 68 7.40 -7.11 24.45
C ASN C 68 7.60 -5.65 24.08
N ALA C 69 8.63 -5.03 24.64
CA ALA C 69 8.91 -3.62 24.39
C ALA C 69 9.10 -3.29 22.92
N GLU C 70 9.75 -4.19 22.18
CA GLU C 70 9.98 -3.95 20.76
C GLU C 70 8.66 -3.80 20.00
N GLU C 71 7.79 -4.79 20.12
CA GLU C 71 6.51 -4.75 19.43
C GLU C 71 5.67 -3.57 19.93
N ASN C 72 5.83 -3.24 21.21
CA ASN C 72 5.07 -2.14 21.80
C ASN C 72 5.44 -0.85 21.09
N LYS C 73 6.72 -0.69 20.80
CA LYS C 73 7.21 0.49 20.11
C LYS C 73 6.78 0.42 18.65
N ALA C 74 6.81 -0.79 18.09
CA ALA C 74 6.39 -0.97 16.70
C ALA C 74 4.94 -0.46 16.52
N ILE C 75 4.05 -0.90 17.40
CA ILE C 75 2.65 -0.48 17.33
C ILE C 75 2.55 1.02 17.53
N GLN C 76 3.34 1.55 18.45
CA GLN C 76 3.35 2.98 18.73
C GLN C 76 3.68 3.79 17.48
N GLU C 77 4.73 3.38 16.77
CA GLU C 77 5.17 4.06 15.56
C GLU C 77 4.14 3.98 14.44
N VAL C 78 3.45 2.84 14.35
CA VAL C 78 2.41 2.63 13.34
C VAL C 78 1.20 3.54 13.60
N ALA C 79 0.70 3.51 14.83
CA ALA C 79 -0.47 4.31 15.20
C ALA C 79 -0.27 5.83 15.18
N LYS C 80 0.82 6.29 15.78
CA LYS C 80 1.13 7.73 15.87
C LYS C 80 0.24 8.48 16.85
N THR C 81 -0.85 7.85 17.26
CA THR C 81 -1.78 8.44 18.21
C THR C 81 -2.27 7.31 19.12
N SER C 82 -3.25 7.60 19.97
CA SER C 82 -3.76 6.55 20.86
C SER C 82 -4.46 5.47 20.03
N ALA C 83 -4.19 4.21 20.34
CA ALA C 83 -4.77 3.10 19.61
C ALA C 83 -5.13 1.95 20.53
N PHE C 84 -6.23 1.27 20.23
CA PHE C 84 -6.66 0.14 21.03
C PHE C 84 -5.70 -1.03 20.86
N LEU C 85 -5.54 -1.81 21.94
CA LEU C 85 -4.71 -3.00 21.91
C LEU C 85 -5.67 -4.17 22.07
N GLY C 86 -5.23 -5.36 21.66
CA GLY C 86 -6.09 -6.52 21.77
C GLY C 86 -6.09 -7.08 23.19
N ILE C 87 -6.35 -6.22 24.16
CA ILE C 87 -6.38 -6.62 25.56
C ILE C 87 -7.59 -5.98 26.27
N THR C 88 -8.33 -6.77 27.05
CA THR C 88 -9.49 -6.26 27.80
C THR C 88 -9.73 -7.08 29.08
N ASP C 89 -10.46 -6.50 30.02
CA ASP C 89 -10.83 -7.19 31.24
C ASP C 89 -12.36 -7.25 31.27
N GLU C 90 -12.94 -7.36 30.07
CA GLU C 90 -14.40 -7.45 29.89
C GLU C 90 -15.01 -8.66 30.56
N VAL C 91 -14.31 -9.78 30.54
CA VAL C 91 -14.81 -11.02 31.11
C VAL C 91 -14.86 -11.00 32.64
N THR C 92 -13.77 -10.56 33.26
CA THR C 92 -13.67 -10.47 34.71
C THR C 92 -12.93 -9.17 35.07
N GLU C 93 -13.66 -8.23 35.65
CA GLU C 93 -13.09 -6.94 36.02
C GLU C 93 -11.78 -7.06 36.78
N GLY C 94 -10.76 -6.36 36.30
CA GLY C 94 -9.46 -6.39 36.94
C GLY C 94 -8.51 -7.41 36.33
N GLN C 95 -9.04 -8.38 35.60
CA GLN C 95 -8.20 -9.42 35.00
C GLN C 95 -8.09 -9.19 33.48
N PHE C 96 -7.03 -8.53 33.06
CA PHE C 96 -6.84 -8.30 31.63
C PHE C 96 -6.35 -9.53 30.87
N MET C 97 -7.02 -9.80 29.77
CA MET C 97 -6.75 -10.95 28.91
C MET C 97 -6.54 -10.50 27.47
N TYR C 98 -5.86 -11.33 26.70
CA TYR C 98 -5.64 -11.07 25.29
C TYR C 98 -6.94 -11.44 24.60
N VAL C 99 -7.30 -10.73 23.53
CA VAL C 99 -8.51 -11.05 22.80
C VAL C 99 -8.29 -12.42 22.14
N THR C 100 -7.02 -12.77 21.94
CA THR C 100 -6.66 -14.04 21.35
C THR C 100 -6.61 -15.13 22.42
N GLY C 101 -6.94 -14.75 23.66
CA GLY C 101 -6.96 -15.70 24.76
C GLY C 101 -5.73 -15.75 25.65
N GLY C 102 -5.95 -15.93 26.96
CA GLY C 102 -4.86 -16.01 27.89
C GLY C 102 -4.56 -14.76 28.69
N ARG C 103 -3.91 -14.93 29.84
CA ARG C 103 -3.57 -13.82 30.70
C ARG C 103 -2.38 -13.01 30.18
N LEU C 104 -2.44 -11.71 30.42
CA LEU C 104 -1.43 -10.77 29.98
C LEU C 104 -0.05 -11.08 30.50
N THR C 105 0.92 -11.24 29.59
CA THR C 105 2.30 -11.50 29.98
C THR C 105 2.93 -10.11 30.15
N TYR C 106 3.41 -9.56 29.05
CA TYR C 106 4.03 -8.25 29.03
C TYR C 106 2.99 -7.15 29.17
N SER C 107 3.34 -6.10 29.90
CA SER C 107 2.46 -4.95 30.09
C SER C 107 3.33 -3.72 30.25
N ASN C 108 2.77 -2.55 29.97
CA ASN C 108 3.53 -1.30 30.08
C ASN C 108 2.60 -0.19 30.57
N TRP C 109 1.88 -0.50 31.64
CA TRP C 109 0.95 0.42 32.24
C TRP C 109 1.57 1.71 32.74
N LYS C 110 0.82 2.79 32.54
CA LYS C 110 1.14 4.11 33.04
C LYS C 110 0.92 3.99 34.56
N LYS C 111 1.56 4.86 35.33
CA LYS C 111 1.42 4.80 36.80
C LYS C 111 -0.05 4.87 37.24
N ASP C 112 -0.44 3.98 38.14
CA ASP C 112 -1.79 3.90 38.69
C ASP C 112 -2.86 3.48 37.68
N GLU C 113 -2.45 2.74 36.65
CA GLU C 113 -3.36 2.21 35.65
C GLU C 113 -3.10 0.70 35.63
N PRO C 114 -4.10 -0.12 35.27
CA PRO C 114 -5.47 0.23 34.87
C PRO C 114 -6.27 0.58 36.12
N ASN C 115 -7.20 1.51 36.02
CA ASN C 115 -7.97 1.92 37.18
C ASN C 115 -9.49 1.84 37.05
N ASP C 116 -9.98 1.30 35.92
CA ASP C 116 -11.40 1.19 35.68
C ASP C 116 -12.11 2.47 36.12
N HIS C 117 -11.59 3.60 35.65
CA HIS C 117 -12.09 4.91 36.04
C HIS C 117 -13.55 5.23 35.76
N GLY C 118 -14.14 5.98 36.71
CA GLY C 118 -15.52 6.40 36.58
C GLY C 118 -16.50 5.29 36.23
N SER C 119 -17.30 5.52 35.18
CA SER C 119 -18.29 4.53 34.76
C SER C 119 -17.69 3.18 34.34
N GLY C 120 -16.36 3.11 34.24
CA GLY C 120 -15.75 1.84 33.86
C GLY C 120 -14.88 1.87 32.63
N GLU C 121 -13.80 1.08 32.67
CA GLU C 121 -12.86 1.00 31.54
C GLU C 121 -12.39 -0.46 31.40
N ASP C 122 -12.80 -1.09 30.30
CA ASP C 122 -12.43 -2.48 30.08
C ASP C 122 -11.50 -2.71 28.87
N CYS C 123 -11.19 -1.63 28.14
CA CYS C 123 -10.27 -1.75 27.02
C CYS C 123 -8.94 -1.09 27.35
N VAL C 124 -7.99 -1.23 26.45
CA VAL C 124 -6.66 -0.69 26.66
C VAL C 124 -6.11 0.06 25.46
N THR C 125 -5.50 1.19 25.72
CA THR C 125 -4.93 2.00 24.64
C THR C 125 -3.47 2.28 24.92
N ILE C 126 -2.68 2.23 23.85
CA ILE C 126 -1.28 2.56 23.94
C ILE C 126 -1.31 4.05 23.58
N VAL C 127 -0.77 4.89 24.45
CA VAL C 127 -0.78 6.33 24.22
C VAL C 127 0.47 6.83 23.51
N ASP C 128 0.59 8.15 23.39
CA ASP C 128 1.74 8.78 22.72
C ASP C 128 3.01 8.74 23.57
N ASN C 129 3.20 7.64 24.29
CA ASN C 129 4.37 7.47 25.14
C ASN C 129 4.77 6.00 25.11
N GLY C 130 3.89 5.19 24.54
CA GLY C 130 4.13 3.77 24.47
C GLY C 130 3.49 3.14 25.69
N LEU C 131 3.23 3.97 26.70
CA LEU C 131 2.60 3.52 27.94
C LEU C 131 1.16 3.11 27.70
N TRP C 132 0.57 2.45 28.70
CA TRP C 132 -0.81 1.97 28.58
C TRP C 132 -1.79 2.59 29.56
N ASN C 133 -3.05 2.68 29.13
CA ASN C 133 -4.10 3.19 29.98
C ASN C 133 -5.39 2.46 29.64
N ASP C 134 -6.15 2.03 30.64
CA ASP C 134 -7.41 1.39 30.33
C ASP C 134 -8.40 2.50 30.06
N ILE C 135 -9.27 2.28 29.06
CA ILE C 135 -10.23 3.30 28.66
C ILE C 135 -11.53 2.62 28.26
N SER C 136 -12.59 3.41 28.13
CA SER C 136 -13.88 2.88 27.71
C SER C 136 -13.78 2.25 26.32
N CYS C 137 -14.28 1.02 26.20
CA CYS C 137 -14.30 0.30 24.94
C CYS C 137 -15.19 1.05 23.96
N GLN C 138 -16.03 1.94 24.49
CA GLN C 138 -16.93 2.73 23.66
C GLN C 138 -16.23 3.94 23.07
N ALA C 139 -15.10 4.32 23.63
CA ALA C 139 -14.35 5.46 23.12
C ALA C 139 -13.77 5.11 21.74
N SER C 140 -13.40 6.12 20.97
CA SER C 140 -12.86 5.89 19.64
C SER C 140 -11.38 6.15 19.56
N HIS C 141 -10.63 5.10 19.24
CA HIS C 141 -9.17 5.20 19.11
C HIS C 141 -8.72 4.56 17.80
N THR C 142 -7.49 4.82 17.40
CA THR C 142 -6.98 4.31 16.12
C THR C 142 -6.99 2.80 16.00
N ALA C 143 -7.45 2.32 14.85
CA ALA C 143 -7.52 0.88 14.59
C ALA C 143 -6.19 0.39 14.05
N VAL C 144 -5.59 -0.58 14.74
CA VAL C 144 -4.32 -1.15 14.31
C VAL C 144 -4.45 -2.66 14.31
N CYS C 145 -4.29 -3.29 13.14
CA CYS C 145 -4.41 -4.73 13.05
C CYS C 145 -3.04 -5.37 12.98
N GLU C 146 -3.00 -6.63 13.40
CA GLU C 146 -1.77 -7.41 13.44
C GLU C 146 -1.91 -8.63 12.57
N PHE C 147 -0.80 -8.94 11.88
CA PHE C 147 -0.73 -10.10 11.01
C PHE C 147 0.54 -10.85 11.43
N PRO C 148 0.53 -12.19 11.30
CA PRO C 148 1.61 -13.10 11.67
C PRO C 148 2.97 -12.85 11.01
N ALA C 149 4.02 -13.21 11.74
CA ALA C 149 5.40 -13.09 11.29
C ALA C 149 5.61 -13.95 10.04
C1 MAN D . 30.01 6.85 5.59
C2 MAN D . 31.18 6.42 4.72
C3 MAN D . 32.44 7.23 4.97
C4 MAN D . 32.14 8.74 5.03
C5 MAN D . 30.95 9.07 5.94
C6 MAN D . 30.53 10.53 5.78
O1 MAN D . 30.05 6.31 6.88
O2 MAN D . 30.81 6.52 3.35
O3 MAN D . 33.34 6.99 3.86
O4 MAN D . 33.29 9.43 5.50
O5 MAN D . 29.79 8.27 5.60
O6 MAN D . 29.29 10.78 6.41
C1 MAN D . 34.50 6.26 4.07
C2 MAN D . 35.24 6.14 2.74
C3 MAN D . 34.37 5.28 1.77
C4 MAN D . 34.15 3.91 2.40
C5 MAN D . 33.45 4.09 3.76
C6 MAN D . 33.27 2.78 4.51
O2 MAN D . 36.49 5.52 2.93
O3 MAN D . 35.02 5.14 0.52
O4 MAN D . 33.36 3.11 1.56
O5 MAN D . 34.24 4.96 4.61
O6 MAN D . 34.51 2.09 4.66
C1 MAN E . -1.38 28.91 -10.27
C2 MAN E . -2.75 29.28 -10.83
C3 MAN E . -3.12 30.72 -10.47
C4 MAN E . -2.95 30.97 -8.97
C5 MAN E . -1.53 30.62 -8.53
C6 MAN E . -1.35 30.77 -7.05
O1 MAN E . -0.33 29.39 -11.04
O2 MAN E . -3.74 28.39 -10.31
O3 MAN E . -4.51 30.96 -10.82
O4 MAN E . -3.21 32.34 -8.68
O5 MAN E . -1.22 29.24 -8.86
O6 MAN E . 0.00 30.49 -6.67
C1 MAN E . -4.71 31.70 -12.00
C2 MAN E . -6.17 32.15 -12.08
C3 MAN E . -7.08 30.94 -12.36
C4 MAN E . -6.61 30.22 -13.62
C5 MAN E . -5.14 29.83 -13.49
C6 MAN E . -4.62 29.26 -14.80
O2 MAN E . -6.30 33.08 -13.13
O3 MAN E . -8.41 31.39 -12.54
O4 MAN E . -7.41 29.05 -13.83
O5 MAN E . -4.33 30.98 -13.18
O6 MAN E . -4.87 30.15 -15.88
C1 MAN F . -5.94 11.90 28.87
C2 MAN F . -6.33 10.84 29.92
C3 MAN F . -5.97 11.31 31.34
C4 MAN F . -4.51 11.77 31.38
C5 MAN F . -4.28 12.89 30.37
C6 MAN F . -2.82 13.33 30.35
O1 MAN F . -6.90 12.90 28.71
O2 MAN F . -5.66 9.62 29.62
O3 MAN F . -6.13 10.20 32.26
O4 MAN F . -4.20 12.23 32.69
O5 MAN F . -4.61 12.44 29.03
O6 MAN F . -2.60 14.36 29.40
C1 MAN F . -7.28 10.20 33.05
C2 MAN F . -7.16 9.06 34.08
C3 MAN F . -7.24 7.69 33.37
C4 MAN F . -8.51 7.61 32.54
C5 MAN F . -8.55 8.80 31.56
C6 MAN F . -9.80 8.86 30.71
O2 MAN F . -8.22 9.17 35.04
O3 MAN F . -7.22 6.66 34.33
O4 MAN F . -8.55 6.39 31.82
O5 MAN F . -8.47 10.05 32.29
O6 MAN F . -10.93 9.25 31.50
CA CA G . 35.52 -3.41 -5.89
CA CA H . 33.98 3.41 -1.03
CA CA I . 36.73 -7.12 -5.57
CL CL J . 32.56 -6.55 -0.96
CA CA K . 42.96 2.57 -1.06
CA CA L . -15.82 26.40 -18.22
CA CA M . -9.77 29.30 -13.26
CA CA N . -16.59 25.76 -21.91
CL CL O . -10.84 23.05 -20.79
CA CA P . -12.06 -2.67 33.78
CA CA Q . -7.67 4.34 33.02
CA CA R . -15.74 -4.09 33.72
CL CL S . -15.62 -0.30 28.88
#